data_1XM1
#
_entry.id   1XM1
#
_cell.length_a   70.460
_cell.length_b   70.930
_cell.length_c   72.650
_cell.angle_alpha   90.00
_cell.angle_beta   100.38
_cell.angle_gamma   90.00
#
_symmetry.space_group_name_H-M   'C 1 2 1'
#
loop_
_entity.id
_entity.type
_entity.pdbx_description
1 polymer thrombin
2 polymer Hirudin
3 non-polymer N-{[(2S)-1-(N-{[4-({[AMINO(IMINO)METHYL]AMINO}METHYL)CYCLOHEXYL]CARBONYL}-3-CYCLOHEXYL-L-ALANYL)AZETIDIN-2-YL]CARBONYL}-L-TYROSYL-N~6~-[AMINO(IMINO)METHYL]-L-LYSINAMIDE
4 water water
#
loop_
_entity_poly.entity_id
_entity_poly.type
_entity_poly.pdbx_seq_one_letter_code
_entity_poly.pdbx_strand_id
1 'polypeptide(L)'
;TFGSGEADCGLRPLFEKKSLEDKTERELLESYIDGRIVEGSDAEIGMSPWQVMLFRKSPQELLCGASLISDRWVLTAAHC
LLYPPWDKNFTENDLLVRIGKHSRTRYERNIEKISMLEKIYIHPRYNWRENLDRDIALMKLKKPVAFSDYIHPVCLPDRE
TAASLLQAGYKGRVTGWGNLKETWTANVGKGQPSVLQVVNLPIVERPVCKDSTRIRITDNMFCAGYKPDEGKRGDACEGD
SGGPFVMKSPFNNRWYQMGIVSWGEGCDRDGKYGFYTHVFRLKKWIQKVIDQFGE
;
A
2 'polypeptide(L)' DFEEIPEE(TYS)L H
#
# COMPACT_ATOMS: atom_id res chain seq x y z
N ALA A 7 1.64 -8.33 -17.74
CA ALA A 7 1.41 -9.75 -18.16
C ALA A 7 2.27 -10.66 -17.31
N ASP A 8 3.33 -10.08 -16.76
CA ASP A 8 4.24 -10.79 -15.91
C ASP A 8 4.14 -10.28 -14.47
N CYS A 9 2.99 -9.68 -14.19
CA CYS A 9 2.73 -9.10 -12.89
C CYS A 9 2.54 -10.08 -11.76
N GLY A 10 2.84 -9.64 -10.55
CA GLY A 10 2.63 -10.46 -9.37
C GLY A 10 3.60 -11.59 -9.17
N LEU A 11 4.61 -11.66 -10.03
CA LEU A 11 5.63 -12.68 -9.92
C LEU A 11 6.95 -12.08 -9.58
N ARG A 12 7.37 -12.21 -8.32
CA ARG A 12 8.62 -11.60 -7.88
C ARG A 12 9.88 -12.30 -8.35
N PRO A 13 10.85 -11.53 -8.82
CA PRO A 13 12.14 -12.03 -9.31
C PRO A 13 12.85 -12.93 -8.31
N LEU A 14 12.89 -12.52 -7.05
CA LEU A 14 13.58 -13.28 -6.03
C LEU A 14 12.78 -14.36 -5.34
N PHE A 15 11.53 -14.52 -5.73
CA PHE A 15 10.71 -15.55 -5.12
C PHE A 15 10.00 -16.43 -6.17
N GLU A 16 8.79 -16.10 -6.59
CA GLU A 16 8.12 -16.91 -7.61
C GLU A 16 9.00 -17.24 -8.80
N LYS A 17 9.70 -16.24 -9.35
CA LYS A 17 10.59 -16.47 -10.50
C LYS A 17 11.63 -17.59 -10.31
N LYS A 18 12.16 -17.76 -9.11
CA LYS A 18 13.12 -18.80 -8.84
C LYS A 18 12.58 -19.90 -7.90
N SER A 19 11.26 -19.91 -7.78
CA SER A 19 10.50 -20.82 -6.95
C SER A 19 10.89 -20.87 -5.49
N LEU A 20 11.18 -19.71 -4.93
CA LEU A 20 11.47 -19.63 -3.53
C LEU A 20 10.30 -18.97 -2.85
N GLU A 21 10.01 -19.39 -1.63
CA GLU A 21 8.93 -18.79 -0.90
C GLU A 21 9.44 -17.81 0.12
N ASP A 22 8.68 -16.74 0.41
CA ASP A 22 9.10 -15.86 1.49
C ASP A 22 8.66 -16.48 2.83
N LYS A 23 9.11 -15.92 3.94
CA LYS A 23 8.83 -16.49 5.26
C LYS A 23 7.41 -16.58 5.78
N THR A 24 6.45 -15.82 5.25
CA THR A 24 5.09 -15.92 5.79
C THR A 24 3.99 -16.09 4.76
N GLU A 25 4.35 -16.24 3.49
CA GLU A 25 3.32 -16.39 2.49
C GLU A 25 2.43 -17.60 2.70
N ARG A 26 2.96 -18.62 3.36
CA ARG A 26 2.17 -19.78 3.67
C ARG A 26 1.00 -19.43 4.61
N GLU A 27 1.16 -18.40 5.44
CA GLU A 27 0.09 -17.97 6.32
C GLU A 27 -1.15 -17.52 5.55
N LEU A 28 -0.93 -16.88 4.42
CA LEU A 28 -2.03 -16.43 3.58
C LEU A 28 -2.75 -17.59 2.92
N LEU A 29 -1.98 -18.51 2.33
CA LEU A 29 -2.56 -19.67 1.67
C LEU A 29 -3.37 -20.51 2.64
N GLU A 30 -2.84 -20.69 3.83
CA GLU A 30 -3.57 -21.47 4.81
C GLU A 30 -4.89 -20.85 5.17
N SER A 31 -5.02 -19.53 4.99
CA SER A 31 -6.28 -18.85 5.31
C SER A 31 -7.28 -18.88 4.17
N TYR A 32 -6.84 -19.27 2.97
CA TYR A 32 -7.73 -19.34 1.83
C TYR A 32 -8.55 -20.59 1.86
N ILE A 33 -9.63 -20.50 2.61
CA ILE A 33 -10.55 -21.58 2.93
C ILE A 33 -9.94 -22.41 4.04
N ILE A 37 3.50 0.53 9.98
CA ILE A 37 2.98 -0.81 10.35
C ILE A 37 3.20 -1.07 11.83
N VAL A 38 2.15 -1.46 12.54
CA VAL A 38 2.27 -1.79 13.95
C VAL A 38 2.25 -3.28 14.16
N GLU A 39 3.17 -3.80 14.96
CA GLU A 39 3.24 -5.23 15.25
C GLU A 39 3.50 -6.12 14.06
N GLY A 40 4.24 -5.58 13.08
CA GLY A 40 4.58 -6.34 11.92
C GLY A 40 6.03 -6.79 12.07
N SER A 41 6.73 -6.94 10.96
CA SER A 41 8.11 -7.35 10.99
C SER A 41 8.87 -6.92 9.78
N ASP A 42 10.18 -7.08 9.83
CA ASP A 42 11.04 -6.72 8.71
C ASP A 42 10.77 -7.51 7.45
N ALA A 43 10.52 -6.81 6.37
CA ALA A 43 10.29 -7.44 5.09
C ALA A 43 11.55 -8.08 4.55
N GLU A 44 11.44 -9.19 3.82
CA GLU A 44 12.63 -9.77 3.22
C GLU A 44 13.03 -9.01 1.99
N ILE A 45 14.26 -9.17 1.51
CA ILE A 45 14.67 -8.46 0.31
C ILE A 45 13.91 -8.92 -0.92
N GLY A 46 13.36 -7.98 -1.68
CA GLY A 46 12.61 -8.32 -2.88
C GLY A 46 11.23 -8.90 -2.61
N MET A 47 10.83 -8.95 -1.34
CA MET A 47 9.52 -9.50 -0.96
C MET A 47 8.34 -8.68 -1.51
N SER A 48 8.56 -7.40 -1.75
CA SER A 48 7.52 -6.52 -2.27
C SER A 48 8.02 -5.59 -3.35
N PRO A 49 8.50 -6.14 -4.49
CA PRO A 49 9.04 -5.42 -5.64
C PRO A 49 8.18 -4.28 -6.20
N TRP A 50 6.90 -4.29 -5.85
CA TRP A 50 5.97 -3.25 -6.28
C TRP A 50 5.82 -2.09 -5.28
N GLN A 51 6.54 -2.18 -4.17
CA GLN A 51 6.44 -1.16 -3.15
C GLN A 51 7.01 0.17 -3.55
N VAL A 52 6.22 1.22 -3.41
CA VAL A 52 6.67 2.54 -3.76
C VAL A 52 6.62 3.55 -2.63
N MET A 53 7.60 4.43 -2.58
CA MET A 53 7.60 5.49 -1.59
C MET A 53 7.31 6.84 -2.20
N LEU A 54 6.21 7.45 -1.79
CA LEU A 54 5.94 8.78 -2.28
C LEU A 54 6.82 9.70 -1.48
N PHE A 55 7.65 10.46 -2.18
CA PHE A 55 8.60 11.30 -1.48
C PHE A 55 8.46 12.78 -1.75
N ARG A 56 8.45 13.58 -0.69
CA ARG A 56 8.35 15.03 -0.80
C ARG A 56 9.70 15.66 -1.06
N LYS A 57 9.81 16.48 -2.10
CA LYS A 57 11.07 17.14 -2.41
C LYS A 57 11.63 17.98 -1.26
N SER A 58 10.80 18.83 -0.66
CA SER A 58 11.24 19.68 0.46
C SER A 58 10.14 20.15 1.39
N PRO A 59 10.32 19.93 2.71
CA PRO A 59 11.50 19.27 3.26
C PRO A 59 11.48 17.79 2.92
N GLN A 60 12.60 17.25 2.44
CA GLN A 60 12.66 15.84 2.09
C GLN A 60 12.12 14.95 3.18
N GLU A 61 11.02 14.29 2.88
CA GLU A 61 10.36 13.39 3.82
C GLU A 61 9.45 12.39 3.15
N LEU A 62 9.04 11.37 3.88
CA LEU A 62 8.14 10.39 3.32
C LEU A 62 6.69 10.81 3.44
N LEU A 63 5.99 10.87 2.31
CA LEU A 63 4.60 11.26 2.32
C LEU A 63 3.66 10.12 2.47
N CYS A 64 3.91 9.08 1.70
CA CYS A 64 3.04 7.93 1.69
C CYS A 64 3.65 6.71 1.08
N GLY A 65 2.84 5.65 1.07
CA GLY A 65 3.25 4.41 0.45
C GLY A 65 2.55 4.44 -0.90
N ALA A 66 2.88 3.48 -1.75
CA ALA A 66 2.27 3.37 -3.06
C ALA A 66 2.63 2.07 -3.71
N SER A 67 2.18 1.84 -4.95
CA SER A 67 2.49 0.60 -5.63
C SER A 67 2.64 0.73 -7.12
N LEU A 68 3.55 -0.06 -7.66
CA LEU A 68 3.83 -0.06 -9.06
C LEU A 68 2.96 -1.05 -9.80
N ILE A 69 2.16 -0.58 -10.76
CA ILE A 69 1.27 -1.46 -11.51
C ILE A 69 1.62 -1.62 -13.00
N SER A 70 2.68 -0.95 -13.42
CA SER A 70 3.22 -1.04 -14.78
C SER A 70 4.51 -0.25 -14.85
N ASP A 71 5.19 -0.14 -15.99
CA ASP A 71 6.42 0.64 -15.97
C ASP A 71 6.23 2.14 -15.90
N ARG A 72 4.99 2.60 -16.08
CA ARG A 72 4.73 4.03 -16.00
C ARG A 72 3.63 4.45 -15.02
N TRP A 73 2.97 3.51 -14.39
CA TRP A 73 1.88 3.83 -13.47
C TRP A 73 2.02 3.37 -12.07
N VAL A 74 1.81 4.30 -11.16
CA VAL A 74 1.85 4.07 -9.75
C VAL A 74 0.53 4.34 -9.08
N LEU A 75 0.04 3.37 -8.31
CA LEU A 75 -1.23 3.50 -7.61
C LEU A 75 -1.06 3.94 -6.19
N THR A 76 -2.00 4.73 -5.68
CA THR A 76 -1.94 5.18 -4.29
C THR A 76 -3.27 5.68 -3.80
N ALA A 77 -3.28 6.18 -2.56
CA ALA A 77 -4.48 6.71 -1.97
C ALA A 77 -4.68 8.19 -2.33
N ALA A 78 -5.90 8.57 -2.65
CA ALA A 78 -6.15 9.98 -2.96
C ALA A 78 -5.79 10.92 -1.81
N HIS A 79 -6.10 10.52 -0.58
CA HIS A 79 -5.81 11.39 0.54
C HIS A 79 -4.34 11.68 0.72
N CYS A 80 -3.50 10.93 0.01
CA CYS A 80 -2.06 11.15 0.04
C CYS A 80 -1.70 12.41 -0.72
N LEU A 81 -2.53 12.78 -1.69
CA LEU A 81 -2.32 13.95 -2.54
C LEU A 81 -3.30 15.12 -2.30
N LEU A 82 -4.50 14.79 -1.87
CA LEU A 82 -5.51 15.80 -1.64
C LEU A 82 -6.31 15.57 -0.40
N TYR A 83 -6.09 16.41 0.60
CA TYR A 83 -6.85 16.32 1.82
C TYR A 83 -7.02 17.69 2.48
N PRO A 84 -7.97 18.50 1.97
CA PRO A 84 -8.28 19.85 2.44
C PRO A 84 -8.34 20.05 3.94
N PRO A 85 -8.78 19.04 4.69
CA PRO A 85 -8.83 19.24 6.14
C PRO A 85 -7.45 19.54 6.73
N TRP A 86 -6.41 18.93 6.16
CA TRP A 86 -5.05 19.13 6.65
C TRP A 86 -4.25 20.01 5.75
N ASP A 87 -4.95 20.80 4.95
CA ASP A 87 -4.30 21.68 4.01
C ASP A 87 -3.31 20.99 3.11
N LYS A 88 -3.71 19.79 2.71
CA LYS A 88 -2.90 18.96 1.84
C LYS A 88 -3.43 18.95 0.42
N ASN A 89 -2.63 19.47 -0.51
CA ASN A 89 -2.97 19.50 -1.92
C ASN A 89 -1.75 19.53 -2.81
N PHE A 90 -1.00 18.44 -2.81
CA PHE A 90 0.22 18.31 -3.61
C PHE A 90 0.05 18.30 -5.10
N THR A 91 1.02 18.90 -5.79
CA THR A 91 1.04 18.94 -7.23
C THR A 91 2.21 18.12 -7.81
N GLU A 92 2.12 17.77 -9.07
CA GLU A 92 3.17 16.99 -9.73
C GLU A 92 4.62 17.24 -9.28
N ASN A 93 5.12 18.45 -9.49
CA ASN A 93 6.51 18.76 -9.14
C ASN A 93 6.87 18.73 -7.69
N ASP A 94 5.87 18.70 -6.81
CA ASP A 94 6.12 18.64 -5.38
C ASP A 94 6.68 17.31 -4.93
N LEU A 95 6.38 16.27 -5.71
CA LEU A 95 6.77 14.92 -5.35
C LEU A 95 7.78 14.21 -6.21
N LEU A 96 8.10 13.01 -5.74
CA LEU A 96 8.98 12.06 -6.38
C LEU A 96 8.60 10.66 -5.96
N VAL A 97 8.71 9.68 -6.85
CA VAL A 97 8.42 8.32 -6.45
C VAL A 97 9.68 7.51 -6.34
N ARG A 98 9.88 6.88 -5.20
CA ARG A 98 11.06 6.06 -4.98
C ARG A 98 10.75 4.58 -5.00
N ILE A 99 11.28 3.89 -6.00
CA ILE A 99 11.02 2.48 -6.14
C ILE A 99 12.22 1.54 -6.05
N GLY A 100 11.98 0.36 -5.49
CA GLY A 100 13.02 -0.65 -5.34
C GLY A 100 13.67 -0.54 -3.98
N LYS A 101 12.98 0.12 -3.06
CA LYS A 101 13.55 0.35 -1.74
C LYS A 101 13.29 -0.67 -0.70
N HIS A 102 14.15 -0.63 0.33
CA HIS A 102 14.06 -1.51 1.48
C HIS A 102 14.28 -0.69 2.74
N SER A 103 15.40 0.03 2.77
CA SER A 103 15.69 0.91 3.89
C SER A 103 14.80 2.15 3.83
N ARG A 104 14.29 2.61 4.97
CA ARG A 104 13.42 3.79 4.96
C ARG A 104 14.13 5.09 4.62
N THR A 105 15.24 5.36 5.28
CA THR A 105 15.92 6.63 5.07
C THR A 105 17.12 6.66 4.17
N ARG A 106 17.76 5.53 3.91
CA ARG A 106 18.96 5.58 3.08
C ARG A 106 18.76 5.64 1.58
N TYR A 107 19.67 6.30 0.88
CA TYR A 107 19.58 6.31 -0.56
C TYR A 107 20.26 5.05 -1.10
N GLU A 108 19.45 4.04 -1.42
CA GLU A 108 19.94 2.75 -1.86
C GLU A 108 20.53 2.72 -3.26
N ARG A 109 21.75 3.25 -3.35
CA ARG A 109 22.52 3.34 -4.58
C ARG A 109 22.53 2.07 -5.39
N ASN A 110 22.41 2.18 -6.70
CA ASN A 110 22.40 1.03 -7.61
C ASN A 110 21.18 0.14 -7.52
N ILE A 111 20.37 0.26 -6.48
CA ILE A 111 19.17 -0.57 -6.41
C ILE A 111 17.87 0.20 -6.57
N GLU A 112 17.67 1.25 -5.80
CA GLU A 112 16.45 2.02 -5.95
C GLU A 112 16.45 2.94 -7.17
N LYS A 113 15.26 3.28 -7.65
CA LYS A 113 15.13 4.19 -8.77
C LYS A 113 14.19 5.34 -8.44
N ILE A 114 14.63 6.58 -8.67
CA ILE A 114 13.79 7.73 -8.39
C ILE A 114 13.09 8.29 -9.63
N SER A 115 11.76 8.45 -9.57
CA SER A 115 11.00 8.98 -10.70
C SER A 115 10.26 10.27 -10.44
N MET A 116 10.22 11.14 -11.45
CA MET A 116 9.47 12.39 -11.36
C MET A 116 8.06 12.17 -11.83
N LEU A 117 7.09 12.90 -11.30
CA LEU A 117 5.71 12.69 -11.73
C LEU A 117 5.28 13.47 -12.96
N GLU A 118 4.51 12.84 -13.85
CA GLU A 118 4.05 13.54 -15.03
C GLU A 118 2.64 14.08 -14.87
N LYS A 119 1.77 13.30 -14.23
CA LYS A 119 0.40 13.71 -14.02
C LYS A 119 -0.33 12.96 -12.94
N ILE A 120 -1.01 13.72 -12.08
CA ILE A 120 -1.80 13.16 -11.00
C ILE A 120 -3.23 12.99 -11.43
N TYR A 121 -3.81 11.83 -11.16
CA TYR A 121 -5.20 11.60 -11.46
C TYR A 121 -5.93 11.16 -10.24
N ILE A 122 -6.82 11.99 -9.74
CA ILE A 122 -7.59 11.66 -8.56
C ILE A 122 -8.99 11.26 -8.89
N HIS A 123 -9.52 10.24 -8.26
CA HIS A 123 -10.89 9.85 -8.57
C HIS A 123 -11.87 11.03 -8.45
N PRO A 124 -12.62 11.33 -9.52
CA PRO A 124 -13.60 12.42 -9.54
C PRO A 124 -14.60 12.40 -8.40
N ARG A 125 -14.94 11.23 -7.88
CA ARG A 125 -15.90 11.17 -6.78
C ARG A 125 -15.29 10.80 -5.43
N TYR A 126 -14.00 11.07 -5.30
CA TYR A 126 -13.30 10.88 -4.04
C TYR A 126 -13.96 11.73 -2.92
N ASN A 127 -14.47 11.09 -1.88
CA ASN A 127 -15.12 11.83 -0.81
C ASN A 127 -14.23 12.26 0.38
N TRP A 128 -13.40 13.28 0.19
CA TRP A 128 -12.56 13.71 1.31
C TRP A 128 -13.36 14.38 2.41
N ARG A 129 -14.52 14.90 2.04
CA ARG A 129 -15.36 15.59 3.00
C ARG A 129 -15.92 14.75 4.07
N GLU A 130 -16.36 13.54 3.73
CA GLU A 130 -17.01 12.69 4.73
C GLU A 130 -16.35 11.40 5.17
N ASN A 131 -16.09 10.46 4.27
CA ASN A 131 -15.55 9.18 4.71
C ASN A 131 -14.42 8.60 3.88
N LEU A 132 -13.75 9.43 3.11
CA LEU A 132 -12.67 8.95 2.26
C LEU A 132 -13.13 7.93 1.22
N ASP A 133 -14.42 7.94 0.90
CA ASP A 133 -14.97 7.03 -0.11
C ASP A 133 -14.24 7.18 -1.42
N ARG A 134 -13.92 6.07 -2.06
CA ARG A 134 -13.17 6.10 -3.31
C ARG A 134 -11.82 6.76 -3.15
N ASP A 135 -11.12 6.35 -2.08
CA ASP A 135 -9.81 6.88 -1.77
C ASP A 135 -8.72 6.27 -2.68
N ILE A 136 -8.68 6.74 -3.92
CA ILE A 136 -7.75 6.19 -4.89
C ILE A 136 -7.17 7.20 -5.84
N ALA A 137 -5.93 6.99 -6.25
CA ALA A 137 -5.29 7.89 -7.19
C ALA A 137 -4.18 7.24 -7.97
N LEU A 138 -4.04 7.65 -9.22
CA LEU A 138 -3.00 7.16 -10.10
C LEU A 138 -1.95 8.20 -10.37
N MET A 139 -0.72 7.75 -10.58
CA MET A 139 0.39 8.64 -10.90
C MET A 139 1.15 8.16 -12.11
N LYS A 140 1.20 8.96 -13.17
CA LYS A 140 1.96 8.59 -14.33
C LYS A 140 3.35 9.10 -14.27
N LEU A 141 4.33 8.23 -14.41
CA LEU A 141 5.72 8.65 -14.35
C LEU A 141 6.22 9.26 -15.64
N LYS A 142 7.09 10.26 -15.56
CA LYS A 142 7.62 10.89 -16.77
C LYS A 142 8.30 9.91 -17.74
N LYS A 143 9.04 8.96 -17.18
CA LYS A 143 9.75 7.93 -17.95
C LYS A 143 9.52 6.56 -17.36
N PRO A 144 9.57 5.51 -18.17
CA PRO A 144 9.35 4.16 -17.66
C PRO A 144 10.42 3.81 -16.65
N VAL A 145 10.06 2.99 -15.66
CA VAL A 145 11.04 2.55 -14.69
C VAL A 145 11.58 1.20 -15.14
N ALA A 146 12.86 0.94 -14.90
CA ALA A 146 13.42 -0.33 -15.32
C ALA A 146 13.23 -1.43 -14.31
N PHE A 147 12.53 -2.49 -14.71
CA PHE A 147 12.33 -3.61 -13.81
C PHE A 147 13.62 -4.26 -13.46
N SER A 148 13.65 -4.92 -12.31
CA SER A 148 14.84 -5.59 -11.80
C SER A 148 14.46 -6.61 -10.74
N ASP A 149 15.43 -7.08 -9.98
CA ASP A 149 15.17 -8.02 -8.91
C ASP A 149 14.35 -7.38 -7.78
N TYR A 150 14.46 -6.05 -7.65
CA TYR A 150 13.80 -5.28 -6.60
C TYR A 150 12.63 -4.43 -7.08
N ILE A 151 12.50 -4.36 -8.41
CA ILE A 151 11.47 -3.57 -9.05
C ILE A 151 10.61 -4.35 -10.01
N HIS A 152 9.37 -4.56 -9.61
CA HIS A 152 8.43 -5.35 -10.41
C HIS A 152 7.00 -5.00 -10.10
N PRO A 153 6.12 -4.96 -11.09
CA PRO A 153 4.73 -4.61 -10.79
C PRO A 153 3.83 -5.69 -10.21
N VAL A 154 2.90 -5.25 -9.37
CA VAL A 154 1.93 -6.15 -8.81
C VAL A 154 0.77 -6.25 -9.77
N CYS A 155 -0.03 -7.30 -9.72
CA CYS A 155 -1.19 -7.35 -10.61
C CYS A 155 -2.42 -6.65 -10.02
N LEU A 156 -3.33 -6.24 -10.89
CA LEU A 156 -4.64 -5.69 -10.49
C LEU A 156 -5.68 -6.76 -10.68
N PRO A 157 -6.58 -6.94 -9.71
CA PRO A 157 -7.63 -7.96 -9.76
C PRO A 157 -8.76 -7.82 -10.78
N ASP A 158 -9.19 -8.96 -11.32
CA ASP A 158 -10.33 -8.99 -12.21
C ASP A 158 -11.53 -9.42 -11.42
N ARG A 159 -12.73 -9.34 -11.96
CA ARG A 159 -13.92 -9.73 -11.19
C ARG A 159 -13.84 -11.09 -10.50
N GLU A 160 -13.43 -12.13 -11.22
CA GLU A 160 -13.33 -13.47 -10.64
C GLU A 160 -12.32 -13.55 -9.51
N THR A 161 -11.15 -12.97 -9.71
CA THR A 161 -10.16 -12.98 -8.66
C THR A 161 -10.65 -12.31 -7.39
N ALA A 162 -11.23 -11.11 -7.52
CA ALA A 162 -11.77 -10.42 -6.36
C ALA A 162 -12.84 -11.24 -5.68
N ALA A 163 -13.74 -11.82 -6.48
CA ALA A 163 -14.82 -12.61 -5.91
C ALA A 163 -14.33 -13.77 -5.09
N SER A 164 -13.37 -14.54 -5.59
CA SER A 164 -12.89 -15.67 -4.80
C SER A 164 -11.95 -15.35 -3.65
N LEU A 165 -11.27 -14.21 -3.65
CA LEU A 165 -10.35 -13.90 -2.57
C LEU A 165 -10.80 -12.90 -1.51
N LEU A 166 -11.74 -12.03 -1.84
CA LEU A 166 -12.18 -11.05 -0.86
C LEU A 166 -13.22 -11.55 0.09
N GLN A 167 -12.82 -12.49 0.93
CA GLN A 167 -13.70 -13.10 1.90
C GLN A 167 -13.22 -12.95 3.32
N ALA A 168 -14.15 -12.82 4.25
CA ALA A 168 -13.82 -12.70 5.66
C ALA A 168 -12.96 -13.86 6.07
N GLY A 169 -11.90 -13.63 6.83
CA GLY A 169 -11.02 -14.73 7.20
C GLY A 169 -9.79 -14.83 6.28
N TYR A 170 -9.99 -14.66 4.98
CA TYR A 170 -8.86 -14.69 4.06
C TYR A 170 -7.86 -13.62 4.39
N LYS A 171 -6.58 -13.97 4.54
CA LYS A 171 -5.60 -12.96 4.88
C LYS A 171 -4.94 -12.27 3.72
N GLY A 172 -4.56 -11.03 3.97
CA GLY A 172 -3.88 -10.23 2.97
C GLY A 172 -2.61 -9.72 3.62
N ARG A 173 -1.79 -9.02 2.84
CA ARG A 173 -0.52 -8.49 3.33
C ARG A 173 -0.38 -6.99 3.16
N VAL A 174 -0.01 -6.29 4.22
CA VAL A 174 0.20 -4.85 4.13
C VAL A 174 1.64 -4.46 4.40
N THR A 175 2.21 -3.58 3.58
CA THR A 175 3.59 -3.15 3.78
C THR A 175 3.78 -1.63 3.77
N GLY A 176 4.83 -1.17 4.42
CA GLY A 176 5.08 0.25 4.42
C GLY A 176 6.15 0.64 5.40
N TRP A 177 6.52 1.92 5.34
CA TRP A 177 7.53 2.47 6.22
C TRP A 177 6.93 3.35 7.29
N GLY A 178 5.63 3.21 7.51
CA GLY A 178 4.94 4.01 8.50
C GLY A 178 5.39 3.74 9.90
N ASN A 179 4.79 4.44 10.86
CA ASN A 179 5.18 4.27 12.25
C ASN A 179 4.97 2.89 12.83
N LEU A 180 5.75 2.58 13.86
CA LEU A 180 5.70 1.30 14.54
C LEU A 180 4.73 1.30 15.67
N LYS A 181 4.32 2.49 16.08
CA LYS A 181 3.39 2.67 17.17
C LYS A 181 2.52 3.87 16.98
N GLU A 182 1.27 3.79 17.41
CA GLU A 182 0.36 4.91 17.26
C GLU A 182 0.86 6.13 17.99
N THR A 183 1.37 5.91 19.19
CA THR A 183 1.88 6.98 20.04
C THR A 183 3.17 7.61 19.56
N TRP A 184 3.06 8.83 19.04
CA TRP A 184 4.20 9.60 18.54
C TRP A 184 5.55 9.16 19.06
N THR A 185 6.37 8.60 18.17
CA THR A 185 7.71 8.14 18.52
C THR A 185 8.68 8.11 17.35
N ALA A 186 9.96 8.36 17.62
CA ALA A 186 10.96 8.36 16.57
C ALA A 186 12.13 7.42 16.84
N ASN A 187 13.29 7.73 16.26
CA ASN A 187 14.47 6.90 16.46
C ASN A 187 15.12 7.08 17.81
N VAL A 188 14.41 6.66 18.86
CA VAL A 188 14.91 6.76 20.24
C VAL A 188 14.12 5.90 21.21
N GLY A 189 12.81 5.84 21.02
CA GLY A 189 11.95 5.05 21.88
C GLY A 189 11.01 4.23 21.02
N LYS A 190 11.54 3.73 19.90
CA LYS A 190 10.78 2.93 18.95
C LYS A 190 9.63 3.68 18.31
N GLY A 191 9.81 4.14 17.08
CA GLY A 191 8.78 4.87 16.38
C GLY A 191 8.84 4.68 14.87
N GLN A 192 10.01 4.96 14.30
CA GLN A 192 10.22 4.80 12.87
C GLN A 192 11.08 3.57 12.57
N PRO A 193 10.66 2.73 11.60
CA PRO A 193 11.46 1.55 11.30
C PRO A 193 12.64 1.85 10.42
N SER A 194 13.69 1.05 10.55
CA SER A 194 14.85 1.23 9.70
C SER A 194 14.57 0.72 8.30
N VAL A 195 13.83 -0.38 8.23
CA VAL A 195 13.50 -0.97 6.94
C VAL A 195 12.02 -1.25 6.71
N LEU A 196 11.66 -1.52 5.47
CA LEU A 196 10.28 -1.82 5.11
C LEU A 196 9.62 -2.82 6.04
N GLN A 197 8.40 -2.54 6.47
CA GLN A 197 7.68 -3.45 7.36
C GLN A 197 6.55 -4.21 6.68
N VAL A 198 6.31 -5.44 7.11
CA VAL A 198 5.26 -6.26 6.55
C VAL A 198 4.39 -6.92 7.59
N VAL A 199 3.09 -7.00 7.31
CA VAL A 199 2.17 -7.67 8.20
C VAL A 199 1.02 -8.31 7.46
N ASN A 200 0.71 -9.55 7.83
CA ASN A 200 -0.41 -10.23 7.24
C ASN A 200 -1.64 -10.04 8.09
N LEU A 201 -2.75 -9.65 7.47
CA LEU A 201 -3.98 -9.41 8.22
C LEU A 201 -5.22 -10.01 7.64
N PRO A 202 -6.16 -10.42 8.50
CA PRO A 202 -7.38 -11.01 7.98
C PRO A 202 -8.49 -10.03 7.59
N ILE A 203 -9.10 -10.27 6.44
CA ILE A 203 -10.21 -9.47 5.98
C ILE A 203 -11.35 -9.64 6.97
N VAL A 204 -12.09 -8.60 7.27
CA VAL A 204 -13.13 -8.76 8.27
C VAL A 204 -14.54 -8.64 7.74
N GLU A 205 -15.44 -9.39 8.37
CA GLU A 205 -16.86 -9.38 8.00
C GLU A 205 -17.45 -7.98 7.97
N ARG A 206 -18.03 -7.58 6.84
CA ARG A 206 -18.62 -6.24 6.69
C ARG A 206 -19.42 -5.73 7.90
N PRO A 207 -20.30 -6.56 8.49
CA PRO A 207 -21.09 -6.12 9.65
C PRO A 207 -20.18 -5.71 10.78
N VAL A 208 -19.13 -6.51 11.00
CA VAL A 208 -18.18 -6.21 12.04
C VAL A 208 -17.47 -4.91 11.76
N CYS A 209 -17.07 -4.72 10.50
CA CYS A 209 -16.42 -3.46 10.13
C CYS A 209 -17.29 -2.25 10.51
N LYS A 210 -18.54 -2.29 10.08
CA LYS A 210 -19.50 -1.24 10.38
C LYS A 210 -19.77 -1.02 11.87
N ASP A 211 -19.89 -2.11 12.62
CA ASP A 211 -20.14 -1.99 14.04
C ASP A 211 -18.97 -1.46 14.83
N SER A 212 -17.80 -1.38 14.20
CA SER A 212 -16.60 -0.90 14.90
C SER A 212 -16.37 0.61 14.84
N THR A 213 -17.23 1.32 14.12
CA THR A 213 -17.08 2.75 13.93
C THR A 213 -18.37 3.48 13.71
N ARG A 214 -18.34 4.80 13.83
CA ARG A 214 -19.52 5.62 13.60
C ARG A 214 -19.56 6.17 12.21
N ILE A 215 -18.41 6.09 11.54
CA ILE A 215 -18.27 6.53 10.17
C ILE A 215 -19.04 5.66 9.19
N ARG A 216 -19.65 6.26 8.18
CA ARG A 216 -20.37 5.49 7.18
C ARG A 216 -19.46 4.73 6.20
N ILE A 217 -19.50 3.41 6.29
CA ILE A 217 -18.73 2.50 5.45
C ILE A 217 -19.35 2.22 4.10
N THR A 218 -18.60 2.38 3.02
CA THR A 218 -19.16 2.11 1.70
C THR A 218 -18.67 0.83 1.07
N ASP A 219 -19.26 0.47 -0.07
CA ASP A 219 -18.83 -0.72 -0.81
C ASP A 219 -17.47 -0.54 -1.47
N ASN A 220 -16.97 0.69 -1.51
CA ASN A 220 -15.65 0.93 -2.09
C ASN A 220 -14.55 0.73 -1.05
N MET A 221 -14.92 0.13 0.06
CA MET A 221 -13.98 -0.16 1.11
C MET A 221 -14.23 -1.46 1.80
N PHE A 222 -13.17 -2.04 2.37
CA PHE A 222 -13.28 -3.23 3.17
C PHE A 222 -12.38 -3.04 4.36
N CYS A 223 -12.55 -3.81 5.42
CA CYS A 223 -11.68 -3.62 6.54
C CYS A 223 -10.94 -4.87 6.90
N ALA A 224 -9.77 -4.70 7.48
CA ALA A 224 -8.98 -5.86 7.86
C ALA A 224 -8.29 -5.72 9.20
N GLY A 225 -7.99 -6.84 9.83
CA GLY A 225 -7.32 -6.79 11.09
C GLY A 225 -7.84 -7.88 12.00
N TYR A 226 -7.14 -8.10 13.10
CA TYR A 226 -7.56 -9.10 14.06
C TYR A 226 -8.55 -8.59 15.06
N LYS A 227 -9.44 -9.46 15.52
CA LYS A 227 -10.39 -9.07 16.56
C LYS A 227 -9.74 -9.20 17.92
N PRO A 228 -10.25 -8.51 18.94
CA PRO A 228 -9.60 -8.64 20.26
C PRO A 228 -9.48 -10.08 20.75
N ASP A 229 -10.47 -10.92 20.44
CA ASP A 229 -10.47 -12.32 20.86
C ASP A 229 -9.41 -13.23 20.21
N GLU A 230 -8.85 -12.77 19.10
CA GLU A 230 -7.87 -13.55 18.37
C GLU A 230 -6.42 -13.51 18.87
N GLY A 231 -6.12 -12.61 19.79
CA GLY A 231 -4.77 -12.56 20.33
C GLY A 231 -3.71 -11.94 19.46
N LYS A 232 -3.79 -12.17 18.15
CA LYS A 232 -2.80 -11.57 17.25
C LYS A 232 -3.09 -10.10 16.97
N ARG A 233 -2.06 -9.30 16.71
CA ARG A 233 -2.27 -7.88 16.45
C ARG A 233 -1.78 -7.44 15.09
N GLY A 234 -1.65 -6.13 14.91
CA GLY A 234 -1.15 -5.62 13.64
C GLY A 234 -2.09 -4.67 12.93
N ASP A 235 -1.49 -3.67 12.31
CA ASP A 235 -2.24 -2.67 11.58
C ASP A 235 -1.31 -1.71 10.87
N ALA A 236 -1.84 -0.91 9.96
CA ALA A 236 -1.02 0.12 9.34
C ALA A 236 -0.98 1.32 10.29
N CYS A 237 -0.20 2.35 9.95
CA CYS A 237 -0.16 3.53 10.78
C CYS A 237 0.35 4.70 10.02
N GLU A 238 0.51 5.84 10.68
CA GLU A 238 0.98 7.02 9.99
C GLU A 238 2.19 6.79 9.10
N GLY A 239 2.10 7.19 7.83
CA GLY A 239 3.20 7.01 6.89
C GLY A 239 2.95 5.82 5.96
N ASP A 240 2.01 4.96 6.34
CA ASP A 240 1.62 3.77 5.58
C ASP A 240 0.51 3.94 4.56
N SER A 241 -0.29 5.00 4.66
CA SER A 241 -1.36 5.19 3.70
C SER A 241 -0.89 5.26 2.27
N GLY A 242 -1.75 4.84 1.36
CA GLY A 242 -1.43 4.81 -0.05
C GLY A 242 -0.72 3.49 -0.38
N GLY A 243 -0.33 2.78 0.67
CA GLY A 243 0.37 1.53 0.50
C GLY A 243 -0.56 0.44 0.03
N PRO A 244 0.01 -0.68 -0.45
CA PRO A 244 -0.76 -1.83 -0.96
C PRO A 244 -1.18 -2.95 -0.03
N PHE A 245 -2.42 -3.41 -0.20
CA PHE A 245 -2.90 -4.56 0.54
C PHE A 245 -2.93 -5.70 -0.45
N VAL A 246 -1.99 -6.65 -0.36
CA VAL A 246 -1.99 -7.73 -1.34
C VAL A 246 -2.34 -9.08 -0.88
N MET A 247 -2.64 -9.91 -1.87
CA MET A 247 -2.97 -11.29 -1.66
C MET A 247 -2.36 -12.13 -2.73
N LYS A 248 -1.93 -13.33 -2.38
CA LYS A 248 -1.37 -14.21 -3.38
C LYS A 248 -2.39 -15.19 -3.89
N SER A 249 -2.79 -15.06 -5.13
CA SER A 249 -3.76 -16.00 -5.67
C SER A 249 -3.26 -17.44 -5.61
N PRO A 250 -4.04 -18.34 -5.02
CA PRO A 250 -3.58 -19.73 -4.97
C PRO A 250 -3.91 -20.43 -6.31
N PHE A 251 -4.65 -19.74 -7.17
CA PHE A 251 -5.04 -20.28 -8.47
C PHE A 251 -3.96 -20.16 -9.52
N ASN A 252 -3.20 -19.07 -9.47
CA ASN A 252 -2.12 -18.90 -10.43
C ASN A 252 -0.82 -18.45 -9.79
N ASN A 253 -0.82 -18.43 -8.46
CA ASN A 253 0.34 -18.02 -7.70
C ASN A 253 0.86 -16.62 -7.96
N ARG A 254 -0.04 -15.71 -8.30
CA ARG A 254 0.35 -14.34 -8.54
C ARG A 254 -0.15 -13.41 -7.46
N TRP A 255 0.61 -12.37 -7.19
CA TRP A 255 0.20 -11.41 -6.20
C TRP A 255 -0.71 -10.35 -6.78
N TYR A 256 -1.82 -10.14 -6.10
CA TYR A 256 -2.81 -9.16 -6.49
C TYR A 256 -3.04 -8.10 -5.45
N GLN A 257 -3.14 -6.85 -5.89
CA GLN A 257 -3.40 -5.79 -4.96
C GLN A 257 -4.90 -5.60 -4.81
N MET A 258 -5.47 -6.08 -3.71
CA MET A 258 -6.91 -5.96 -3.48
C MET A 258 -7.29 -4.67 -2.84
N GLY A 259 -6.38 -4.11 -2.06
CA GLY A 259 -6.69 -2.87 -1.38
C GLY A 259 -5.60 -1.81 -1.27
N ILE A 260 -6.05 -0.62 -0.88
CA ILE A 260 -5.15 0.49 -0.65
C ILE A 260 -5.33 0.98 0.75
N VAL A 261 -4.24 1.12 1.48
CA VAL A 261 -4.31 1.60 2.85
C VAL A 261 -5.05 2.94 2.87
N SER A 262 -6.24 2.96 3.45
CA SER A 262 -7.05 4.18 3.47
C SER A 262 -7.18 4.89 4.82
N TRP A 263 -7.82 4.27 5.79
CA TRP A 263 -7.96 4.94 7.08
C TRP A 263 -8.31 4.08 8.26
N GLY A 264 -8.15 4.66 9.43
CA GLY A 264 -8.47 3.99 10.67
C GLY A 264 -8.68 5.01 11.78
N GLU A 265 -8.91 4.51 12.98
CA GLU A 265 -9.10 5.35 14.14
C GLU A 265 -8.17 4.87 15.23
N GLY A 266 -6.93 5.34 15.15
CA GLY A 266 -5.90 4.91 16.07
C GLY A 266 -5.18 3.80 15.34
N CYS A 267 -4.00 3.40 15.84
CA CYS A 267 -3.24 2.32 15.21
C CYS A 267 -3.17 1.10 16.08
N ASP A 268 -3.67 -0.01 15.55
CA ASP A 268 -3.66 -1.26 16.28
C ASP A 268 -4.48 -1.23 17.55
N ARG A 269 -5.69 -0.70 17.44
CA ARG A 269 -6.55 -0.63 18.59
C ARG A 269 -7.52 -1.75 18.67
N ASP A 270 -7.73 -2.27 19.87
CA ASP A 270 -8.69 -3.34 20.05
C ASP A 270 -10.07 -2.90 19.66
N GLY A 271 -10.85 -3.78 19.03
CA GLY A 271 -12.20 -3.44 18.64
C GLY A 271 -12.23 -2.51 17.45
N LYS A 272 -11.06 -2.18 16.91
CA LYS A 272 -10.98 -1.32 15.75
C LYS A 272 -10.31 -1.99 14.56
N TYR A 273 -10.49 -1.45 13.37
CA TYR A 273 -9.89 -2.06 12.19
C TYR A 273 -9.41 -1.10 11.11
N GLY A 274 -8.53 -1.59 10.25
CA GLY A 274 -8.03 -0.76 9.18
C GLY A 274 -8.98 -0.85 8.01
N PHE A 275 -9.16 0.28 7.34
CA PHE A 275 -9.98 0.34 6.15
C PHE A 275 -9.17 0.55 4.90
N TYR A 276 -9.54 -0.18 3.87
CA TYR A 276 -8.83 -0.15 2.63
C TYR A 276 -9.68 0.14 1.43
N THR A 277 -9.12 0.84 0.46
CA THR A 277 -9.85 1.10 -0.76
C THR A 277 -10.04 -0.19 -1.56
N HIS A 278 -11.27 -0.46 -1.95
CA HIS A 278 -11.57 -1.66 -2.72
C HIS A 278 -11.13 -1.52 -4.16
N VAL A 279 -9.89 -1.90 -4.47
CA VAL A 279 -9.36 -1.75 -5.81
C VAL A 279 -10.22 -2.27 -6.94
N PHE A 280 -10.76 -3.47 -6.81
CA PHE A 280 -11.56 -3.97 -7.91
C PHE A 280 -12.77 -3.11 -8.22
N ARG A 281 -13.48 -2.63 -7.21
CA ARG A 281 -14.65 -1.80 -7.43
C ARG A 281 -14.34 -0.52 -8.21
N LEU A 282 -13.08 -0.10 -8.18
CA LEU A 282 -12.66 1.09 -8.89
C LEU A 282 -11.82 0.81 -10.12
N LYS A 283 -11.79 -0.45 -10.56
CA LYS A 283 -10.99 -0.80 -11.71
C LYS A 283 -11.42 -0.17 -13.01
N LYS A 284 -12.71 0.04 -13.19
CA LYS A 284 -13.15 0.69 -14.40
C LYS A 284 -12.50 2.04 -14.50
N TRP A 285 -12.54 2.81 -13.40
CA TRP A 285 -11.90 4.11 -13.39
C TRP A 285 -10.42 4.00 -13.74
N ILE A 286 -9.74 3.05 -13.12
CA ILE A 286 -8.34 2.84 -13.40
C ILE A 286 -8.13 2.60 -14.89
N GLN A 287 -8.90 1.67 -15.45
CA GLN A 287 -8.80 1.36 -16.85
C GLN A 287 -8.96 2.61 -17.72
N LYS A 288 -10.09 3.29 -17.57
CA LYS A 288 -10.33 4.51 -18.31
C LYS A 288 -9.14 5.46 -18.27
N VAL A 289 -8.67 5.80 -17.07
CA VAL A 289 -7.53 6.69 -16.96
C VAL A 289 -6.34 6.20 -17.73
N ILE A 290 -6.00 4.94 -17.56
CA ILE A 290 -4.86 4.39 -18.26
C ILE A 290 -5.09 4.30 -19.77
N ASP A 291 -6.29 3.91 -20.17
CA ASP A 291 -6.65 3.81 -21.57
C ASP A 291 -6.78 5.16 -22.25
N GLN A 292 -7.33 6.12 -21.53
CA GLN A 292 -7.53 7.48 -22.03
C GLN A 292 -6.25 8.30 -22.11
N PHE A 293 -5.28 8.02 -21.24
CA PHE A 293 -4.03 8.76 -21.23
C PHE A 293 -2.77 7.93 -21.45
N ASP B 1 16.80 12.92 9.29
CA ASP B 1 16.65 11.44 9.33
C ASP B 1 16.86 10.84 7.94
N PHE B 2 16.39 11.53 6.91
CA PHE B 2 16.51 11.04 5.55
C PHE B 2 17.80 11.41 4.84
N GLU B 3 18.54 10.41 4.39
CA GLU B 3 19.79 10.64 3.69
C GLU B 3 19.62 11.46 2.44
N GLU B 4 20.64 12.24 2.12
CA GLU B 4 20.61 13.11 0.96
C GLU B 4 20.62 12.46 -0.40
N ILE B 5 19.53 12.57 -1.15
CA ILE B 5 19.53 12.00 -2.48
C ILE B 5 20.24 12.90 -3.46
N PRO B 6 20.70 12.36 -4.60
CA PRO B 6 21.40 13.20 -5.58
C PRO B 6 20.55 14.33 -6.17
N GLU B 7 21.13 15.52 -6.25
CA GLU B 7 20.44 16.68 -6.78
C GLU B 7 19.86 16.46 -8.15
N GLU B 8 20.42 15.51 -8.88
CA GLU B 8 19.94 15.22 -10.22
C GLU B 8 18.43 15.04 -10.29
N LEU B 10 16.29 16.41 -8.04
CA LEU B 10 15.61 17.51 -7.37
C LEU B 10 15.25 18.67 -8.27
#